data_1W1Z
#
_entry.id   1W1Z
#
_cell.length_a   125.235
_cell.length_b   125.235
_cell.length_c   164.603
_cell.angle_alpha   90.00
_cell.angle_beta   90.00
_cell.angle_gamma   90.00
#
_symmetry.space_group_name_H-M   'P 4 21 2'
#
loop_
_entity.id
_entity.type
_entity.pdbx_description
1 polymer 'DELTA-AMINOLEVULINIC ACID DEHYDRATASE'
2 non-polymer 'LAEVULINIC ACID'
3 non-polymer 'MAGNESIUM ION'
4 water water
#
_entity_poly.entity_id   1
_entity_poly.type   'polypeptide(L)'
_entity_poly.pdbx_seq_one_letter_code
;MSQLDLLNIVHRPRRLRRTAALRNLVQENTLTVNDLVFPLFVMPGTNAVEEVSSMPGSFRFTIDRAVEECKELYDLGIQG
IDLFGIPEQKTEDGSEAYNDNGILQQAIRAIKKAVPELCIMTDVALDPFTPFGHDGLVKDGIILNDETVEVLQKMAVSHA
EAGADFVSPSDMMDGRIGAIREALDETDHSDVGILSYAAKYASSFYGPFRDALHSAPQFGDKSTYQMNPANTEEAMKEVE
LDIVEGADIVMVKPGLAYLDIVWRTKERFDVPVAIYHVSGEYAMVKAAAAKGWIDEDRVMMESLLCMKRAGADIIFTYYA
KEAAKKLR
;
_entity_poly.pdbx_strand_id   A,B
#
# COMPACT_ATOMS: atom_id res chain seq x y z
N VAL A 10 -3.76 -9.71 33.24
CA VAL A 10 -3.56 -8.31 33.59
C VAL A 10 -3.94 -7.40 32.43
N HIS A 11 -3.41 -7.71 31.26
CA HIS A 11 -3.60 -6.86 30.08
C HIS A 11 -4.68 -7.41 29.15
N ARG A 12 -5.57 -6.53 28.73
CA ARG A 12 -6.63 -6.88 27.79
C ARG A 12 -6.89 -5.72 26.82
N PRO A 13 -6.08 -5.64 25.77
CA PRO A 13 -6.15 -4.53 24.82
C PRO A 13 -7.57 -4.26 24.33
N ARG A 14 -8.41 -5.28 24.27
CA ARG A 14 -9.78 -5.15 23.79
C ARG A 14 -10.59 -4.17 24.63
N ARG A 15 -10.13 -3.91 25.85
CA ARG A 15 -10.79 -2.96 26.73
C ARG A 15 -10.91 -1.59 26.09
N LEU A 16 -9.98 -1.27 25.20
CA LEU A 16 -9.97 0.01 24.51
C LEU A 16 -10.74 -0.05 23.19
N ARG A 17 -11.41 -1.17 22.95
CA ARG A 17 -12.17 -1.34 21.71
C ARG A 17 -13.61 -1.74 21.99
N ARG A 18 -13.95 -1.91 23.26
CA ARG A 18 -15.25 -2.46 23.63
C ARG A 18 -16.40 -1.60 23.10
N THR A 19 -16.11 -0.33 22.84
CA THR A 19 -17.14 0.60 22.39
C THR A 19 -16.58 1.64 21.43
N ALA A 20 -17.45 2.25 20.63
CA ALA A 20 -17.02 3.28 19.70
C ALA A 20 -16.58 4.54 20.44
N ALA A 21 -17.17 4.78 21.60
CA ALA A 21 -16.77 5.91 22.43
C ALA A 21 -15.30 5.82 22.79
N LEU A 22 -14.93 4.73 23.45
CA LEU A 22 -13.53 4.49 23.81
C LEU A 22 -12.63 4.50 22.59
N ARG A 23 -13.02 3.71 21.59
CA ARG A 23 -12.32 3.70 20.30
C ARG A 23 -12.14 5.13 19.79
N ASN A 24 -13.19 5.92 19.89
CA ASN A 24 -13.20 7.31 19.44
C ASN A 24 -12.24 8.17 20.25
N LEU A 25 -12.04 7.78 21.52
CA LEU A 25 -11.25 8.55 22.46
C LEU A 25 -9.75 8.30 22.27
N VAL A 26 -9.40 7.05 22.01
CA VAL A 26 -8.00 6.63 22.02
C VAL A 26 -7.39 6.64 20.62
N GLN A 27 -8.19 6.92 19.61
CA GLN A 27 -7.69 6.89 18.24
C GLN A 27 -6.48 7.80 18.06
N GLU A 28 -5.38 7.23 17.59
CA GLU A 28 -4.10 7.93 17.54
C GLU A 28 -4.07 8.99 16.44
N ASN A 29 -4.75 8.72 15.34
CA ASN A 29 -4.64 9.57 14.15
C ASN A 29 -6.00 9.86 13.54
N THR A 30 -6.14 11.03 12.94
CA THR A 30 -7.33 11.40 12.18
C THR A 30 -6.95 12.09 10.87
N LEU A 31 -7.78 11.89 9.85
CA LEU A 31 -7.62 12.57 8.58
C LEU A 31 -8.53 13.80 8.51
N THR A 32 -8.00 14.90 7.97
CA THR A 32 -8.74 16.15 7.86
C THR A 32 -8.56 16.77 6.48
N VAL A 33 -9.48 17.65 6.09
CA VAL A 33 -9.41 18.30 4.79
C VAL A 33 -8.04 18.94 4.56
N ASN A 34 -7.45 19.44 5.64
CA ASN A 34 -6.20 20.19 5.54
C ASN A 34 -5.03 19.27 5.23
N ASP A 35 -5.31 17.97 5.13
CA ASP A 35 -4.28 17.00 4.80
C ASP A 35 -4.30 16.64 3.31
N LEU A 36 -5.11 17.37 2.54
CA LEU A 36 -5.37 17.00 1.15
C LEU A 36 -4.94 18.08 0.17
N VAL A 37 -4.32 17.65 -0.92
CA VAL A 37 -3.95 18.53 -2.03
C VAL A 37 -4.43 17.94 -3.36
N PHE A 38 -5.03 18.77 -4.19
CA PHE A 38 -5.74 18.31 -5.37
C PHE A 38 -4.97 18.64 -6.66
N PRO A 39 -4.48 17.62 -7.33
CA PRO A 39 -3.84 17.81 -8.64
C PRO A 39 -4.82 18.31 -9.68
N LEU A 40 -4.36 19.18 -10.57
CA LEU A 40 -5.19 19.74 -11.61
C LEU A 40 -4.48 19.74 -12.97
N PHE A 41 -5.08 19.05 -13.93
CA PHE A 41 -4.52 18.97 -15.27
C PHE A 41 -5.15 20.00 -16.21
N VAL A 42 -4.38 21.00 -16.60
CA VAL A 42 -4.88 22.05 -17.46
C VAL A 42 -4.44 21.85 -18.90
N MET A 43 -5.28 22.28 -19.85
CA MET A 43 -5.02 22.12 -21.27
C MET A 43 -5.41 23.37 -22.05
N PRO A 44 -4.88 23.52 -23.25
CA PRO A 44 -5.27 24.62 -24.12
C PRO A 44 -6.72 24.50 -24.59
N GLY A 45 -7.40 25.63 -24.73
CA GLY A 45 -8.78 25.65 -25.15
C GLY A 45 -9.68 26.43 -24.21
N THR A 46 -10.97 26.50 -24.53
CA THR A 46 -11.94 27.16 -23.67
C THR A 46 -13.17 26.27 -23.45
N ASN A 47 -13.78 26.43 -22.29
CA ASN A 47 -15.02 25.76 -21.92
C ASN A 47 -15.00 24.28 -22.27
N ALA A 48 -14.20 23.50 -21.56
CA ALA A 48 -14.09 22.08 -21.86
C ALA A 48 -13.37 21.31 -20.76
N VAL A 49 -13.89 20.12 -20.46
CA VAL A 49 -13.26 19.20 -19.53
C VAL A 49 -13.25 17.79 -20.10
N GLU A 50 -12.21 17.02 -19.79
CA GLU A 50 -12.06 15.70 -20.38
C GLU A 50 -11.88 14.62 -19.31
N GLU A 51 -12.79 13.65 -19.30
CA GLU A 51 -12.64 12.46 -18.50
C GLU A 51 -11.35 11.72 -18.85
N VAL A 52 -10.57 11.35 -17.83
CA VAL A 52 -9.36 10.56 -18.09
C VAL A 52 -9.68 9.07 -18.08
N SER A 53 -9.31 8.39 -19.16
CA SER A 53 -9.69 7.02 -19.41
C SER A 53 -9.25 6.08 -18.29
N SER A 54 -7.96 6.12 -17.95
CA SER A 54 -7.42 5.22 -16.94
C SER A 54 -7.61 5.79 -15.53
N MET A 55 -8.23 6.95 -15.44
CA MET A 55 -8.47 7.57 -14.13
C MET A 55 -9.91 8.07 -14.02
N PRO A 56 -10.85 7.14 -13.92
CA PRO A 56 -12.26 7.49 -13.74
C PRO A 56 -12.44 8.51 -12.61
N GLY A 57 -13.07 9.64 -12.95
CA GLY A 57 -13.28 10.71 -11.99
C GLY A 57 -12.27 11.84 -12.15
N SER A 58 -11.14 11.53 -12.78
CA SER A 58 -10.12 12.51 -13.08
C SER A 58 -10.43 13.24 -14.38
N PHE A 59 -9.92 14.46 -14.53
CA PHE A 59 -10.26 15.28 -15.69
C PHE A 59 -9.11 16.18 -16.13
N ARG A 60 -9.08 16.48 -17.43
CA ARG A 60 -8.32 17.61 -17.94
C ARG A 60 -9.21 18.84 -18.04
N PHE A 61 -8.79 19.93 -17.41
CA PHE A 61 -9.57 21.16 -17.40
C PHE A 61 -8.93 22.24 -18.27
N THR A 62 -9.76 22.98 -18.99
CA THR A 62 -9.35 24.28 -19.53
C THR A 62 -9.20 25.28 -18.38
N ILE A 63 -8.44 26.34 -18.61
CA ILE A 63 -8.20 27.31 -17.54
C ILE A 63 -9.51 27.81 -16.94
N ASP A 64 -10.43 28.24 -17.80
CA ASP A 64 -11.71 28.78 -17.35
C ASP A 64 -12.49 27.74 -16.54
N ARG A 65 -12.26 26.48 -16.85
CA ARG A 65 -12.91 25.39 -16.11
C ARG A 65 -12.10 25.01 -14.88
N ALA A 66 -10.78 25.21 -14.96
CA ALA A 66 -9.91 25.05 -13.81
C ALA A 66 -10.33 26.00 -12.69
N VAL A 67 -10.54 27.27 -13.06
CA VAL A 67 -10.99 28.28 -12.11
C VAL A 67 -12.32 27.89 -11.48
N GLU A 68 -13.23 27.35 -12.29
CA GLU A 68 -14.53 26.91 -11.82
C GLU A 68 -14.37 25.81 -10.77
N GLU A 69 -13.46 24.88 -11.03
CA GLU A 69 -13.22 23.77 -10.11
C GLU A 69 -12.64 24.25 -8.79
N CYS A 70 -11.55 25.01 -8.88
CA CYS A 70 -10.89 25.54 -7.70
C CYS A 70 -11.88 26.27 -6.79
N LYS A 71 -12.80 26.99 -7.39
CA LYS A 71 -13.84 27.70 -6.65
C LYS A 71 -14.67 26.72 -5.82
N GLU A 72 -14.98 25.57 -6.41
CA GLU A 72 -15.68 24.52 -5.67
C GLU A 72 -14.76 23.89 -4.63
N LEU A 73 -13.52 23.64 -5.04
CA LEU A 73 -12.51 23.07 -4.15
C LEU A 73 -12.42 23.85 -2.84
N TYR A 74 -12.00 25.10 -2.94
CA TYR A 74 -11.83 25.97 -1.78
C TYR A 74 -13.06 25.97 -0.88
N ASP A 75 -14.24 25.95 -1.50
CA ASP A 75 -15.48 25.98 -0.74
C ASP A 75 -15.71 24.68 0.03
N LEU A 76 -15.13 23.60 -0.47
CA LEU A 76 -15.29 22.30 0.17
C LEU A 76 -14.26 22.10 1.29
N GLY A 77 -13.25 22.95 1.31
CA GLY A 77 -12.25 22.94 2.37
C GLY A 77 -10.83 22.84 1.84
N ILE A 78 -10.67 22.34 0.62
CA ILE A 78 -9.34 22.09 0.07
C ILE A 78 -8.47 23.34 0.11
N GLN A 79 -7.22 23.16 0.50
CA GLN A 79 -6.35 24.28 0.87
C GLN A 79 -5.32 24.57 -0.20
N GLY A 80 -5.06 23.62 -1.08
CA GLY A 80 -4.09 23.82 -2.15
C GLY A 80 -4.20 22.78 -3.25
N ILE A 81 -3.73 23.11 -4.44
CA ILE A 81 -3.73 22.17 -5.55
C ILE A 81 -2.35 22.08 -6.20
N ASP A 82 -2.20 21.16 -7.14
CA ASP A 82 -0.94 20.97 -7.85
C ASP A 82 -1.16 21.03 -9.36
N LEU A 83 -0.67 22.11 -9.98
CA LEU A 83 -0.96 22.39 -11.38
C LEU A 83 -0.04 21.61 -12.31
N PHE A 84 -0.65 20.84 -13.21
CA PHE A 84 0.09 20.21 -14.31
C PHE A 84 -0.28 20.87 -15.63
N GLY A 85 0.72 21.16 -16.46
CA GLY A 85 0.51 21.92 -17.68
C GLY A 85 0.66 21.07 -18.93
N ILE A 86 -0.42 20.99 -19.71
CA ILE A 86 -0.41 20.22 -20.94
C ILE A 86 -0.25 21.12 -22.16
N PRO A 87 0.98 21.22 -22.66
CA PRO A 87 1.27 22.08 -23.82
C PRO A 87 0.73 21.48 -25.11
N GLU A 88 0.43 22.35 -26.06
CA GLU A 88 -0.06 21.93 -27.37
C GLU A 88 1.07 21.33 -28.21
N GLN A 89 2.27 21.87 -28.03
CA GLN A 89 3.44 21.41 -28.76
C GLN A 89 4.54 20.93 -27.82
N LYS A 90 5.22 19.85 -28.22
CA LYS A 90 6.36 19.34 -27.46
C LYS A 90 7.65 19.52 -28.24
N THR A 91 8.70 19.96 -27.56
CA THR A 91 10.01 20.13 -28.17
C THR A 91 11.06 19.29 -27.47
N GLU A 92 12.26 19.22 -28.06
CA GLU A 92 13.33 18.43 -27.46
C GLU A 92 14.01 19.20 -26.35
N ASP A 93 14.03 20.53 -26.45
CA ASP A 93 14.70 21.36 -25.46
C ASP A 93 13.72 21.82 -24.38
N GLY A 94 12.47 21.39 -24.50
CA GLY A 94 11.43 21.64 -23.54
C GLY A 94 11.37 23.08 -23.08
N SER A 95 11.64 24.02 -23.98
CA SER A 95 11.70 25.44 -23.64
C SER A 95 10.33 25.98 -23.28
N GLU A 96 9.27 25.31 -23.69
CA GLU A 96 7.91 25.75 -23.38
C GLU A 96 7.69 25.84 -21.88
N ALA A 97 8.45 25.07 -21.12
CA ALA A 97 8.32 25.07 -19.67
C ALA A 97 8.40 26.48 -19.10
N TYR A 98 9.34 27.28 -19.62
CA TYR A 98 9.55 28.63 -19.08
C TYR A 98 9.03 29.69 -20.04
N ASN A 99 7.98 29.36 -20.78
CA ASN A 99 7.22 30.34 -21.53
C ASN A 99 6.13 30.96 -20.67
N ASP A 100 6.20 32.27 -20.48
CA ASP A 100 5.30 32.96 -19.57
C ASP A 100 3.89 33.06 -20.14
N ASN A 101 3.71 32.58 -21.37
CA ASN A 101 2.42 32.59 -22.03
C ASN A 101 1.88 31.17 -22.20
N GLY A 102 2.51 30.22 -21.53
CA GLY A 102 2.08 28.84 -21.58
C GLY A 102 0.77 28.63 -20.84
N ILE A 103 0.09 27.52 -21.13
CA ILE A 103 -1.13 27.17 -20.42
C ILE A 103 -0.93 27.23 -18.91
N LEU A 104 0.17 26.63 -18.44
CA LEU A 104 0.43 26.54 -17.01
C LEU A 104 0.49 27.91 -16.36
N GLN A 105 1.43 28.74 -16.82
CA GLN A 105 1.56 30.10 -16.31
C GLN A 105 0.21 30.82 -16.31
N GLN A 106 -0.48 30.77 -17.44
CA GLN A 106 -1.81 31.35 -17.58
C GLN A 106 -2.74 30.86 -16.46
N ALA A 107 -2.94 29.56 -16.38
CA ALA A 107 -3.78 28.97 -15.34
C ALA A 107 -3.37 29.49 -13.96
N ILE A 108 -2.07 29.51 -13.70
CA ILE A 108 -1.55 30.11 -12.47
C ILE A 108 -2.16 31.49 -12.25
N ARG A 109 -2.01 32.35 -13.25
CA ARG A 109 -2.53 33.71 -13.18
C ARG A 109 -4.04 33.71 -12.94
N ALA A 110 -4.77 33.05 -13.82
CA ALA A 110 -6.24 33.04 -13.76
C ALA A 110 -6.73 32.55 -12.41
N ILE A 111 -6.11 31.49 -11.89
CA ILE A 111 -6.55 30.90 -10.63
C ILE A 111 -6.26 31.81 -9.45
N LYS A 112 -5.03 32.28 -9.34
CA LYS A 112 -4.63 33.16 -8.24
C LYS A 112 -5.59 34.33 -8.10
N LYS A 113 -6.13 34.79 -9.22
CA LYS A 113 -7.02 35.95 -9.25
C LYS A 113 -8.40 35.63 -8.70
N ALA A 114 -8.97 34.53 -9.17
CA ALA A 114 -10.34 34.17 -8.81
C ALA A 114 -10.42 33.60 -7.39
N VAL A 115 -9.44 32.78 -7.03
CA VAL A 115 -9.44 32.12 -5.72
C VAL A 115 -8.12 32.34 -5.00
N PRO A 116 -7.80 33.60 -4.72
CA PRO A 116 -6.46 33.99 -4.30
C PRO A 116 -6.03 33.31 -3.01
N GLU A 117 -6.98 32.76 -2.26
CA GLU A 117 -6.68 32.20 -0.95
C GLU A 117 -6.39 30.70 -1.05
N LEU A 118 -6.17 30.22 -2.27
CA LEU A 118 -5.83 28.82 -2.50
C LEU A 118 -4.34 28.66 -2.77
N CYS A 119 -3.69 27.76 -2.04
CA CYS A 119 -2.26 27.54 -2.23
C CYS A 119 -1.99 26.78 -3.51
N ILE A 120 -1.59 27.51 -4.55
CA ILE A 120 -1.22 26.90 -5.83
C ILE A 120 0.17 26.28 -5.76
N MET A 121 0.25 25.00 -6.08
CA MET A 121 1.54 24.33 -6.21
C MET A 121 1.75 23.82 -7.63
N THR A 122 2.84 24.25 -8.26
CA THR A 122 3.08 23.94 -9.66
C THR A 122 4.10 22.82 -9.82
N ASP A 123 3.84 21.94 -10.77
CA ASP A 123 4.73 20.81 -11.04
C ASP A 123 5.93 21.23 -11.86
N VAL A 124 7.13 20.87 -11.39
CA VAL A 124 8.36 21.17 -12.11
C VAL A 124 9.00 19.89 -12.65
N ALA A 125 9.02 19.79 -13.97
CA ALA A 125 9.56 18.64 -14.70
C ALA A 125 9.32 18.81 -16.20
N LEU A 126 10.13 18.15 -17.02
CA LEU A 126 10.10 18.40 -18.46
C LEU A 126 9.42 17.27 -19.22
N ASP A 127 8.65 16.45 -18.52
CA ASP A 127 7.98 15.32 -19.16
C ASP A 127 6.86 15.77 -20.08
N PRO A 128 5.91 16.58 -19.64
CA PRO A 128 4.83 17.01 -20.54
C PRO A 128 5.31 17.94 -21.65
N PHE A 129 6.58 18.32 -21.63
CA PHE A 129 7.07 19.32 -22.57
C PHE A 129 8.08 18.74 -23.55
N THR A 130 8.44 17.47 -23.37
CA THR A 130 9.44 16.84 -24.23
C THR A 130 8.91 15.55 -24.83
N PRO A 131 9.45 15.17 -25.98
CA PRO A 131 8.87 14.09 -26.80
C PRO A 131 9.50 12.73 -26.55
N PHE A 132 10.07 12.50 -25.37
CA PHE A 132 10.73 11.22 -25.13
C PHE A 132 10.23 10.53 -23.87
N GLY A 133 9.34 11.21 -23.14
CA GLY A 133 8.69 10.63 -21.99
C GLY A 133 9.53 10.67 -20.74
N HIS A 134 10.56 11.52 -20.72
CA HIS A 134 11.41 11.64 -19.55
C HIS A 134 11.28 13.01 -18.90
N ASP A 135 11.68 13.12 -17.64
CA ASP A 135 11.48 14.34 -16.87
C ASP A 135 12.66 15.30 -17.02
N GLY A 136 13.58 14.96 -17.91
CA GLY A 136 14.74 15.81 -18.16
C GLY A 136 15.12 15.84 -19.63
N LEU A 137 16.20 16.55 -19.95
CA LEU A 137 16.66 16.65 -21.33
C LEU A 137 17.43 15.40 -21.74
N VAL A 138 17.08 14.84 -22.89
CA VAL A 138 17.80 13.68 -23.41
C VAL A 138 18.77 14.07 -24.51
N LYS A 139 19.96 13.50 -24.48
CA LYS A 139 20.97 13.78 -25.51
C LYS A 139 21.22 12.54 -26.36
N ASP A 140 22.18 11.73 -25.94
CA ASP A 140 22.46 10.47 -26.63
C ASP A 140 21.99 9.28 -25.81
N GLY A 141 20.70 9.27 -25.51
CA GLY A 141 20.11 8.25 -24.65
C GLY A 141 20.26 8.58 -23.18
N ILE A 142 20.96 9.67 -22.90
CA ILE A 142 21.24 10.10 -21.53
C ILE A 142 20.30 11.21 -21.08
N ILE A 143 19.69 11.04 -19.92
CA ILE A 143 18.93 12.13 -19.30
C ILE A 143 19.88 13.10 -18.61
N LEU A 144 20.21 14.19 -19.29
CA LEU A 144 21.21 15.15 -18.83
C LEU A 144 20.80 15.80 -17.52
N ASN A 145 21.65 15.63 -16.51
CA ASN A 145 21.33 16.11 -15.16
C ASN A 145 21.42 17.62 -15.06
N ASP A 146 22.65 18.13 -15.03
CA ASP A 146 22.90 19.54 -14.74
C ASP A 146 22.26 20.45 -15.76
N GLU A 147 22.15 20.00 -17.00
CA GLU A 147 21.50 20.79 -18.05
C GLU A 147 20.00 20.91 -17.79
N THR A 148 19.41 19.85 -17.25
CA THR A 148 17.96 19.84 -17.01
C THR A 148 17.58 20.82 -15.91
N VAL A 149 18.35 20.82 -14.82
CA VAL A 149 18.12 21.75 -13.72
C VAL A 149 18.09 23.19 -14.24
N GLU A 150 18.99 23.51 -15.15
CA GLU A 150 19.07 24.85 -15.73
C GLU A 150 17.72 25.29 -16.28
N VAL A 151 17.08 24.39 -17.04
CA VAL A 151 15.73 24.65 -17.52
C VAL A 151 14.76 24.68 -16.34
N LEU A 152 14.89 23.69 -15.46
CA LEU A 152 14.06 23.64 -14.26
C LEU A 152 14.09 24.96 -13.51
N GLN A 153 15.27 25.57 -13.42
CA GLN A 153 15.39 26.89 -12.81
C GLN A 153 14.59 27.93 -13.58
N LYS A 154 14.86 28.04 -14.87
CA LYS A 154 14.12 28.93 -15.75
C LYS A 154 12.61 28.73 -15.57
N MET A 155 12.19 27.47 -15.59
CA MET A 155 10.81 27.09 -15.38
C MET A 155 10.25 27.65 -14.07
N ALA A 156 10.87 27.25 -12.96
CA ALA A 156 10.43 27.64 -11.63
C ALA A 156 10.23 29.15 -11.52
N VAL A 157 11.24 29.91 -11.89
CA VAL A 157 11.18 31.37 -11.81
C VAL A 157 9.93 31.89 -12.52
N SER A 158 9.59 31.28 -13.65
CA SER A 158 8.42 31.68 -14.42
C SER A 158 7.12 31.42 -13.65
N HIS A 159 7.05 30.27 -12.98
CA HIS A 159 5.92 29.96 -12.13
C HIS A 159 5.75 31.01 -11.03
N ALA A 160 6.86 31.38 -10.42
CA ALA A 160 6.86 32.44 -9.40
C ALA A 160 6.38 33.76 -10.00
N GLU A 161 6.96 34.13 -11.14
CA GLU A 161 6.54 35.35 -11.83
C GLU A 161 5.04 35.34 -12.11
N ALA A 162 4.51 34.17 -12.46
CA ALA A 162 3.08 34.04 -12.74
C ALA A 162 2.26 34.15 -11.46
N GLY A 163 2.88 33.88 -10.33
CA GLY A 163 2.21 34.01 -9.04
C GLY A 163 2.13 32.71 -8.27
N ALA A 164 2.88 31.70 -8.71
CA ALA A 164 2.90 30.41 -8.03
C ALA A 164 3.20 30.59 -6.54
N ASP A 165 2.47 29.87 -5.69
CA ASP A 165 2.72 29.88 -4.26
C ASP A 165 3.90 28.98 -3.92
N PHE A 166 3.85 27.76 -4.44
CA PHE A 166 4.89 26.76 -4.24
C PHE A 166 5.30 26.13 -5.57
N VAL A 167 6.52 25.61 -5.63
CA VAL A 167 6.94 24.76 -6.74
C VAL A 167 7.28 23.37 -6.25
N SER A 168 6.96 22.35 -7.05
CA SER A 168 7.19 20.97 -6.64
C SER A 168 7.96 20.19 -7.68
N PRO A 169 9.28 20.34 -7.71
CA PRO A 169 10.12 19.58 -8.64
C PRO A 169 9.99 18.08 -8.39
N SER A 170 9.51 17.37 -9.40
CA SER A 170 9.31 15.92 -9.32
C SER A 170 10.25 15.19 -10.27
N ASP A 171 11.33 15.86 -10.63
CA ASP A 171 12.25 15.44 -11.68
C ASP A 171 13.21 14.36 -11.21
N MET A 172 13.57 14.41 -9.93
CA MET A 172 14.54 13.48 -9.35
C MET A 172 15.92 13.66 -9.97
N MET A 173 16.19 14.86 -10.46
CA MET A 173 17.54 15.23 -10.88
C MET A 173 18.37 15.63 -9.66
N ASP A 174 19.66 15.33 -9.69
CA ASP A 174 20.55 15.59 -8.57
C ASP A 174 20.74 17.10 -8.33
N GLY A 175 20.60 17.50 -7.08
CA GLY A 175 20.88 18.85 -6.64
C GLY A 175 20.07 19.91 -7.36
N ARG A 176 18.80 19.60 -7.64
CA ARG A 176 17.96 20.58 -8.33
C ARG A 176 17.24 21.49 -7.33
N ILE A 177 17.05 21.02 -6.11
CA ILE A 177 16.37 21.83 -5.09
C ILE A 177 17.22 23.04 -4.70
N GLY A 178 18.53 22.86 -4.68
CA GLY A 178 19.45 23.94 -4.36
C GLY A 178 19.52 24.98 -5.46
N ALA A 179 19.71 24.53 -6.69
CA ALA A 179 19.78 25.41 -7.86
C ALA A 179 18.50 26.21 -8.01
N ILE A 180 17.36 25.51 -8.01
CA ILE A 180 16.06 26.15 -8.11
C ILE A 180 15.86 27.18 -7.01
N ARG A 181 16.17 26.81 -5.77
CA ARG A 181 16.04 27.73 -4.65
C ARG A 181 16.94 28.95 -4.86
N GLU A 182 18.12 28.73 -5.43
CA GLU A 182 19.04 29.84 -5.68
C GLU A 182 18.48 30.80 -6.72
N ALA A 183 17.76 30.27 -7.70
CA ALA A 183 17.19 31.09 -8.76
C ALA A 183 16.01 31.91 -8.24
N LEU A 184 15.13 31.26 -7.48
CA LEU A 184 13.98 31.96 -6.93
C LEU A 184 14.42 33.14 -6.07
N ASP A 185 15.49 32.94 -5.31
CA ASP A 185 16.04 34.00 -4.47
C ASP A 185 16.53 35.17 -5.31
N GLU A 186 17.22 34.88 -6.40
CA GLU A 186 17.85 35.91 -7.22
C GLU A 186 16.82 36.72 -7.99
N THR A 187 15.61 36.17 -8.14
CA THR A 187 14.55 36.88 -8.86
C THR A 187 13.47 37.37 -7.91
N ASP A 188 13.86 37.65 -6.67
CA ASP A 188 12.96 38.20 -5.67
C ASP A 188 11.82 37.23 -5.37
N HIS A 189 12.12 35.94 -5.35
CA HIS A 189 11.13 34.93 -5.02
C HIS A 189 11.61 34.03 -3.88
N SER A 190 12.25 34.63 -2.89
CA SER A 190 12.75 33.88 -1.73
C SER A 190 11.63 33.50 -0.78
N ASP A 191 10.40 33.86 -1.14
CA ASP A 191 9.24 33.57 -0.31
C ASP A 191 8.40 32.46 -0.91
N VAL A 192 8.64 32.16 -2.19
CA VAL A 192 7.99 31.00 -2.81
C VAL A 192 8.60 29.71 -2.27
N GLY A 193 7.76 28.85 -1.71
CA GLY A 193 8.22 27.61 -1.11
C GLY A 193 8.68 26.60 -2.14
N ILE A 194 9.20 25.47 -1.67
CA ILE A 194 9.61 24.40 -2.57
C ILE A 194 9.26 23.03 -1.99
N LEU A 195 8.23 22.40 -2.55
CA LEU A 195 7.91 21.02 -2.18
C LEU A 195 8.60 20.05 -3.13
N SER A 196 9.61 19.36 -2.62
CA SER A 196 10.45 18.53 -3.48
C SER A 196 10.08 17.05 -3.38
N TYR A 197 10.01 16.37 -4.52
CA TYR A 197 9.88 14.92 -4.50
C TYR A 197 11.21 14.28 -4.11
N ALA A 198 11.46 14.21 -2.81
CA ALA A 198 12.74 13.73 -2.31
C ALA A 198 12.96 12.27 -2.68
N ALA A 199 12.03 11.40 -2.25
CA ALA A 199 12.16 9.97 -2.49
C ALA A 199 11.16 9.48 -3.54
N LYS A 200 11.38 9.86 -4.79
CA LYS A 200 10.54 9.38 -5.88
C LYS A 200 11.12 8.13 -6.52
N TYR A 201 10.40 7.03 -6.42
CA TYR A 201 10.85 5.75 -6.93
C TYR A 201 10.39 5.51 -8.37
N ALA A 202 11.13 4.68 -9.08
CA ALA A 202 10.72 4.20 -10.40
C ALA A 202 9.71 3.06 -10.24
N SER A 203 8.44 3.36 -10.47
CA SER A 203 7.39 2.44 -10.06
C SER A 203 6.47 2.05 -11.22
N SER A 204 5.83 0.90 -11.07
CA SER A 204 4.83 0.42 -12.02
C SER A 204 3.44 0.93 -11.67
N PHE A 205 3.40 1.98 -10.84
CA PHE A 205 2.15 2.54 -10.34
C PHE A 205 1.76 3.81 -11.09
N TYR A 206 2.65 4.28 -11.95
CA TYR A 206 2.43 5.53 -12.67
C TYR A 206 1.69 5.31 -13.99
N GLY A 207 1.08 4.13 -14.14
CA GLY A 207 0.44 3.74 -15.38
C GLY A 207 -0.51 4.78 -15.93
N PRO A 208 -1.67 4.91 -15.30
CA PRO A 208 -2.77 5.71 -15.85
C PRO A 208 -2.39 7.18 -16.03
N PHE A 209 -1.30 7.62 -15.43
CA PHE A 209 -0.97 9.05 -15.44
C PHE A 209 -0.42 9.51 -16.78
N ARG A 210 0.36 8.65 -17.43
CA ARG A 210 0.95 8.99 -18.73
C ARG A 210 -0.11 9.49 -19.71
N ASP A 211 -1.18 8.71 -19.83
CA ASP A 211 -2.27 9.03 -20.74
C ASP A 211 -3.00 10.30 -20.31
N ALA A 212 -3.04 10.53 -19.00
CA ALA A 212 -3.70 11.70 -18.44
C ALA A 212 -3.26 12.98 -19.14
N LEU A 213 -1.96 13.22 -19.19
CA LEU A 213 -1.44 14.45 -19.76
C LEU A 213 -0.99 14.26 -21.20
N HIS A 214 -1.29 13.09 -21.77
CA HIS A 214 -0.85 12.82 -23.13
C HIS A 214 0.65 13.02 -23.28
N SER A 215 1.42 12.36 -22.42
CA SER A 215 2.87 12.47 -22.43
C SER A 215 3.48 11.50 -23.45
N ALA A 216 4.54 11.95 -24.11
CA ALA A 216 5.21 11.14 -25.12
C ALA A 216 5.54 9.76 -24.59
N PRO A 217 5.63 8.79 -25.49
CA PRO A 217 5.94 7.40 -25.12
C PRO A 217 7.16 7.31 -24.20
N GLN A 218 7.01 6.57 -23.12
CA GLN A 218 7.99 6.46 -22.06
C GLN A 218 9.41 6.24 -22.60
N PHE A 219 9.53 5.33 -23.56
CA PHE A 219 10.79 5.10 -24.25
C PHE A 219 11.93 4.87 -23.28
N GLY A 220 11.92 3.73 -22.60
CA GLY A 220 12.98 3.37 -21.68
C GLY A 220 12.71 3.86 -20.27
N ASP A 221 12.85 2.98 -19.29
CA ASP A 221 12.55 3.31 -17.90
C ASP A 221 13.29 4.56 -17.47
N LYS A 222 12.89 5.11 -16.33
CA LYS A 222 13.53 6.29 -15.76
C LYS A 222 14.38 5.91 -14.55
N SER A 223 14.90 4.70 -14.58
CA SER A 223 15.61 4.13 -13.45
C SER A 223 17.03 4.67 -13.33
N THR A 224 17.40 5.60 -14.21
CA THR A 224 18.72 6.21 -14.14
C THR A 224 18.73 7.42 -13.22
N TYR A 225 17.54 7.86 -12.79
CA TYR A 225 17.44 8.95 -11.84
C TYR A 225 16.40 8.64 -10.76
N GLN A 226 15.28 8.06 -11.17
CA GLN A 226 14.27 7.62 -10.19
C GLN A 226 14.81 6.47 -9.36
N MET A 227 14.31 6.34 -8.13
CA MET A 227 14.91 5.47 -7.13
C MET A 227 14.49 4.01 -7.30
N ASN A 228 15.40 3.11 -6.93
CA ASN A 228 15.11 1.68 -6.86
C ASN A 228 14.13 1.39 -5.73
N PRO A 229 13.01 0.78 -6.06
CA PRO A 229 11.95 0.52 -5.07
C PRO A 229 12.43 -0.39 -3.95
N ALA A 230 13.55 -1.08 -4.15
CA ALA A 230 14.08 -1.99 -3.15
C ALA A 230 14.77 -1.24 -2.02
N ASN A 231 15.05 0.03 -2.23
CA ASN A 231 15.98 0.78 -1.39
C ASN A 231 15.28 1.65 -0.36
N THR A 232 15.84 1.68 0.85
CA THR A 232 15.33 2.50 1.94
C THR A 232 16.38 3.49 2.43
N GLU A 233 17.55 2.97 2.80
CA GLU A 233 18.66 3.79 3.27
C GLU A 233 18.91 4.94 2.30
N GLU A 234 18.81 4.65 1.01
CA GLU A 234 18.98 5.65 -0.04
C GLU A 234 17.97 6.78 0.10
N ALA A 235 16.77 6.45 0.58
CA ALA A 235 15.73 7.46 0.76
C ALA A 235 16.14 8.48 1.82
N MET A 236 16.85 8.00 2.83
CA MET A 236 17.35 8.88 3.88
C MET A 236 18.46 9.79 3.36
N LYS A 237 19.30 9.22 2.50
CA LYS A 237 20.35 9.95 1.81
C LYS A 237 19.77 11.04 0.92
N GLU A 238 18.68 10.71 0.23
CA GLU A 238 18.05 11.63 -0.70
C GLU A 238 17.40 12.81 0.03
N VAL A 239 16.53 12.49 0.98
CA VAL A 239 15.81 13.51 1.74
C VAL A 239 16.77 14.50 2.38
N GLU A 240 17.70 13.99 3.16
CA GLU A 240 18.69 14.82 3.85
C GLU A 240 19.34 15.83 2.92
N LEU A 241 19.82 15.35 1.78
CA LEU A 241 20.42 16.24 0.77
C LEU A 241 19.47 17.36 0.40
N ASP A 242 18.18 17.03 0.30
CA ASP A 242 17.17 17.98 -0.12
C ASP A 242 16.89 19.02 0.96
N ILE A 243 16.76 18.57 2.20
CA ILE A 243 16.56 19.49 3.31
C ILE A 243 17.74 20.44 3.46
N VAL A 244 18.95 19.90 3.34
CA VAL A 244 20.16 20.71 3.42
C VAL A 244 20.21 21.75 2.30
N GLU A 245 19.54 21.45 1.19
CA GLU A 245 19.54 22.34 0.04
C GLU A 245 18.52 23.46 0.20
N GLY A 246 17.49 23.22 1.00
CA GLY A 246 16.55 24.26 1.36
C GLY A 246 15.09 23.87 1.18
N ALA A 247 14.84 22.61 0.83
CA ALA A 247 13.47 22.15 0.62
C ALA A 247 12.61 22.43 1.84
N ASP A 248 11.51 23.15 1.64
CA ASP A 248 10.60 23.48 2.74
C ASP A 248 9.83 22.25 3.20
N ILE A 249 9.44 21.41 2.24
CA ILE A 249 8.74 20.17 2.51
C ILE A 249 9.30 19.03 1.66
N VAL A 250 9.24 17.81 2.18
CA VAL A 250 9.76 16.67 1.41
C VAL A 250 8.68 15.61 1.21
N MET A 251 8.67 15.01 0.03
CA MET A 251 7.60 14.08 -0.34
C MET A 251 8.15 12.72 -0.76
N VAL A 252 7.35 11.69 -0.51
CA VAL A 252 7.63 10.33 -0.96
C VAL A 252 6.63 9.92 -2.03
N LYS A 253 7.09 9.18 -3.03
CA LYS A 253 6.26 8.81 -4.17
C LYS A 253 6.70 7.48 -4.77
N PRO A 254 5.79 6.52 -4.92
CA PRO A 254 4.39 6.64 -4.49
C PRO A 254 4.22 6.49 -2.98
N GLY A 255 3.00 6.19 -2.56
CA GLY A 255 2.59 6.33 -1.18
C GLY A 255 2.09 5.05 -0.55
N LEU A 256 1.04 4.45 -1.10
CA LEU A 256 0.35 3.35 -0.44
C LEU A 256 1.30 2.24 -0.03
N ALA A 257 2.15 1.81 -0.94
CA ALA A 257 3.05 0.69 -0.68
C ALA A 257 4.43 1.16 -0.23
N TYR A 258 4.53 2.43 0.15
CA TYR A 258 5.81 3.00 0.57
C TYR A 258 5.69 3.67 1.93
N LEU A 259 4.74 3.21 2.74
CA LEU A 259 4.45 3.84 4.02
C LEU A 259 5.63 3.73 4.98
N ASP A 260 6.51 2.76 4.77
CA ASP A 260 7.70 2.65 5.61
C ASP A 260 8.68 3.78 5.32
N ILE A 261 8.71 4.23 4.07
CA ILE A 261 9.56 5.35 3.67
C ILE A 261 9.03 6.66 4.23
N VAL A 262 7.72 6.72 4.41
CA VAL A 262 7.07 7.90 4.99
C VAL A 262 7.33 7.98 6.49
N TRP A 263 7.08 6.88 7.19
CA TRP A 263 7.34 6.81 8.62
C TRP A 263 8.78 7.18 8.94
N ARG A 264 9.71 6.68 8.13
CA ARG A 264 11.13 6.91 8.35
C ARG A 264 11.49 8.38 8.20
N THR A 265 10.96 9.03 7.16
CA THR A 265 11.22 10.44 6.94
C THR A 265 10.67 11.29 8.08
N LYS A 266 9.53 10.85 8.63
CA LYS A 266 8.91 11.56 9.74
C LYS A 266 9.80 11.56 10.98
N GLU A 267 10.35 10.40 11.30
CA GLU A 267 11.04 10.16 12.56
C GLU A 267 12.43 10.79 12.59
N ARG A 268 12.93 11.25 11.46
CA ARG A 268 14.35 11.56 11.33
C ARG A 268 14.62 13.04 11.06
N PHE A 269 13.71 13.72 10.39
CA PHE A 269 14.06 14.99 9.76
C PHE A 269 13.34 16.20 10.35
N ASP A 270 12.23 15.98 11.04
CA ASP A 270 11.41 17.04 11.62
C ASP A 270 11.19 18.19 10.65
N VAL A 271 10.96 17.86 9.39
CA VAL A 271 10.39 18.76 8.41
C VAL A 271 9.06 18.21 7.89
N PRO A 272 8.15 19.08 7.48
CA PRO A 272 6.84 18.62 6.98
C PRO A 272 7.01 17.59 5.88
N VAL A 273 6.15 16.58 5.88
CA VAL A 273 6.30 15.43 4.99
C VAL A 273 5.08 15.21 4.12
N ALA A 274 5.29 15.18 2.81
CA ALA A 274 4.20 15.01 1.85
C ALA A 274 4.29 13.65 1.15
N ILE A 275 3.17 13.20 0.61
CA ILE A 275 3.10 11.89 -0.04
C ILE A 275 2.15 11.92 -1.22
N TYR A 276 2.35 11.02 -2.18
CA TYR A 276 1.54 11.03 -3.40
C TYR A 276 0.74 9.74 -3.55
N HIS A 277 -0.58 9.90 -3.64
CA HIS A 277 -1.51 8.85 -4.00
C HIS A 277 -1.56 8.68 -5.52
N VAL A 278 -0.61 7.93 -6.07
CA VAL A 278 -0.41 7.91 -7.51
C VAL A 278 -1.59 7.30 -8.25
N SER A 279 -1.61 7.53 -9.56
CA SER A 279 -2.70 7.11 -10.44
C SER A 279 -3.04 5.64 -10.25
N GLY A 280 -2.02 4.81 -10.04
CA GLY A 280 -2.17 3.37 -9.95
C GLY A 280 -2.96 2.94 -8.72
N GLU A 281 -2.57 3.44 -7.55
CA GLU A 281 -3.30 3.13 -6.32
C GLU A 281 -4.74 3.60 -6.43
N TYR A 282 -4.94 4.75 -7.06
CA TYR A 282 -6.24 5.34 -7.28
C TYR A 282 -7.05 4.54 -8.30
N ALA A 283 -6.49 4.40 -9.50
CA ALA A 283 -7.14 3.65 -10.57
C ALA A 283 -7.38 2.20 -10.17
N MET A 284 -6.58 1.72 -9.22
CA MET A 284 -6.68 0.34 -8.76
C MET A 284 -7.93 0.13 -7.92
N VAL A 285 -8.22 1.08 -7.03
CA VAL A 285 -9.42 0.98 -6.20
C VAL A 285 -10.68 1.19 -7.03
N LYS A 286 -10.53 1.98 -8.10
CA LYS A 286 -11.64 2.26 -9.01
C LYS A 286 -12.08 1.01 -9.75
N ALA A 287 -11.11 0.23 -10.24
CA ALA A 287 -11.41 -0.95 -11.04
C ALA A 287 -11.96 -2.08 -10.19
N ALA A 288 -11.43 -2.24 -8.98
CA ALA A 288 -11.90 -3.31 -8.09
C ALA A 288 -13.33 -3.04 -7.62
N ALA A 289 -13.64 -1.77 -7.38
CA ALA A 289 -14.99 -1.39 -6.95
C ALA A 289 -15.99 -1.59 -8.08
N ALA A 290 -15.56 -1.32 -9.31
CA ALA A 290 -16.43 -1.44 -10.47
C ALA A 290 -16.88 -2.89 -10.68
N LYS A 291 -16.15 -3.83 -10.10
CA LYS A 291 -16.50 -5.23 -10.22
C LYS A 291 -17.24 -5.72 -8.98
N GLY A 292 -17.36 -4.84 -7.98
CA GLY A 292 -18.02 -5.16 -6.73
C GLY A 292 -17.15 -5.97 -5.81
N TRP A 293 -15.83 -5.84 -5.97
CA TRP A 293 -14.89 -6.63 -5.17
C TRP A 293 -14.44 -5.87 -3.94
N ILE A 294 -14.76 -4.58 -3.87
CA ILE A 294 -14.41 -3.77 -2.71
C ILE A 294 -15.30 -2.52 -2.62
N ASP A 295 -15.19 -1.82 -1.49
CA ASP A 295 -15.93 -0.59 -1.26
C ASP A 295 -15.09 0.63 -1.62
N GLU A 296 -15.48 1.33 -2.69
CA GLU A 296 -14.78 2.53 -3.12
C GLU A 296 -14.54 3.49 -1.97
N ASP A 297 -15.59 3.79 -1.23
CA ASP A 297 -15.52 4.75 -0.13
C ASP A 297 -14.62 4.24 1.00
N ARG A 298 -14.92 3.04 1.50
CA ARG A 298 -14.18 2.48 2.62
C ARG A 298 -12.69 2.36 2.29
N VAL A 299 -12.38 1.89 1.09
CA VAL A 299 -10.99 1.64 0.71
C VAL A 299 -10.24 2.95 0.50
N MET A 300 -10.86 3.88 -0.22
CA MET A 300 -10.22 5.16 -0.52
C MET A 300 -9.86 5.90 0.76
N MET A 301 -10.86 6.15 1.61
CA MET A 301 -10.63 6.91 2.84
C MET A 301 -9.60 6.21 3.72
N GLU A 302 -9.84 4.94 4.01
CA GLU A 302 -8.96 4.16 4.89
C GLU A 302 -7.51 4.29 4.46
N SER A 303 -7.23 4.07 3.17
CA SER A 303 -5.86 4.15 2.68
C SER A 303 -5.28 5.53 2.91
N LEU A 304 -6.15 6.54 3.01
CA LEU A 304 -5.70 7.88 3.37
C LEU A 304 -5.38 7.96 4.86
N LEU A 305 -6.19 7.29 5.67
CA LEU A 305 -5.92 7.17 7.09
C LEU A 305 -4.54 6.56 7.33
N CYS A 306 -4.24 5.51 6.59
CA CYS A 306 -2.96 4.82 6.69
C CYS A 306 -1.79 5.76 6.43
N MET A 307 -1.94 6.58 5.40
CA MET A 307 -0.92 7.57 5.06
C MET A 307 -0.72 8.57 6.20
N LYS A 308 -1.81 8.89 6.88
CA LYS A 308 -1.75 9.77 8.04
C LYS A 308 -1.07 9.07 9.22
N ARG A 309 -1.33 7.78 9.37
CA ARG A 309 -0.73 7.04 10.48
C ARG A 309 0.76 6.80 10.24
N ALA A 310 1.16 6.85 8.98
CA ALA A 310 2.56 6.63 8.63
C ALA A 310 3.40 7.87 8.85
N GLY A 311 2.74 9.03 8.96
CA GLY A 311 3.42 10.25 9.33
C GLY A 311 3.19 11.39 8.36
N ALA A 312 2.59 11.11 7.21
CA ALA A 312 2.39 12.15 6.20
C ALA A 312 1.61 13.32 6.79
N ASP A 313 1.94 14.53 6.35
CA ASP A 313 1.20 15.72 6.76
C ASP A 313 0.30 16.20 5.63
N ILE A 314 0.84 16.18 4.40
CA ILE A 314 0.09 16.51 3.20
C ILE A 314 -0.06 15.29 2.30
N ILE A 315 -1.12 15.26 1.50
CA ILE A 315 -1.41 14.11 0.65
C ILE A 315 -1.96 14.55 -0.71
N PHE A 316 -1.15 14.41 -1.76
CA PHE A 316 -1.60 14.67 -3.12
C PHE A 316 -2.47 13.52 -3.63
N THR A 317 -3.79 13.74 -3.65
CA THR A 317 -4.70 12.64 -3.97
C THR A 317 -5.80 13.07 -4.94
N TYR A 318 -6.01 12.25 -5.96
CA TYR A 318 -7.06 12.49 -6.95
C TYR A 318 -8.44 12.25 -6.35
N TYR A 319 -8.47 11.72 -5.13
CA TYR A 319 -9.72 11.54 -4.39
C TYR A 319 -9.99 12.74 -3.49
N ALA A 320 -9.06 13.69 -3.52
CA ALA A 320 -9.07 14.86 -2.65
C ALA A 320 -10.46 15.49 -2.57
N LYS A 321 -11.13 15.64 -3.70
CA LYS A 321 -12.43 16.31 -3.72
C LYS A 321 -13.53 15.43 -3.12
N GLU A 322 -13.45 14.13 -3.39
CA GLU A 322 -14.43 13.18 -2.86
C GLU A 322 -14.24 12.98 -1.36
N ALA A 323 -13.01 13.10 -0.89
CA ALA A 323 -12.71 12.93 0.53
C ALA A 323 -13.12 14.17 1.32
N ALA A 324 -13.12 15.32 0.66
CA ALA A 324 -13.49 16.58 1.31
C ALA A 324 -15.00 16.67 1.52
N LYS A 325 -15.76 16.12 0.58
CA LYS A 325 -17.20 16.00 0.76
C LYS A 325 -17.53 15.03 1.89
N LYS A 326 -16.75 13.96 1.98
CA LYS A 326 -16.97 12.93 2.99
C LYS A 326 -16.65 13.44 4.38
N LEU A 327 -15.81 14.47 4.47
CA LEU A 327 -15.42 15.05 5.75
C LEU A 327 -16.20 16.33 6.04
N ARG A 328 -16.99 16.75 5.07
CA ARG A 328 -17.79 17.97 5.19
C ARG A 328 -18.83 17.85 6.30
N VAL B 10 29.30 18.12 -5.02
CA VAL B 10 29.94 17.05 -4.25
C VAL B 10 29.17 15.74 -4.38
N HIS B 11 27.95 15.71 -3.88
CA HIS B 11 27.14 14.49 -3.84
C HIS B 11 26.31 14.34 -5.10
N ARG B 12 26.12 13.10 -5.53
CA ARG B 12 25.33 12.79 -6.71
C ARG B 12 24.81 11.36 -6.66
N PRO B 13 23.71 11.17 -5.95
CA PRO B 13 23.12 9.85 -5.77
C PRO B 13 22.94 9.11 -7.10
N ARG B 14 22.71 9.85 -8.17
CA ARG B 14 22.48 9.26 -9.49
C ARG B 14 23.67 8.41 -9.95
N ARG B 15 24.84 8.68 -9.39
CA ARG B 15 26.04 7.92 -9.71
C ARG B 15 25.84 6.43 -9.44
N LEU B 16 24.94 6.11 -8.52
CA LEU B 16 24.65 4.72 -8.20
C LEU B 16 23.49 4.18 -9.03
N ARG B 17 23.06 4.95 -10.03
CA ARG B 17 21.91 4.55 -10.84
C ARG B 17 22.27 4.56 -12.32
N ARG B 18 23.48 4.97 -12.63
CA ARG B 18 23.90 5.19 -14.01
C ARG B 18 23.82 3.92 -14.83
N THR B 19 23.81 2.77 -14.18
CA THR B 19 24.01 1.50 -14.87
C THR B 19 23.38 0.33 -14.13
N ALA B 20 22.81 -0.61 -14.90
CA ALA B 20 22.19 -1.80 -14.31
C ALA B 20 23.14 -2.53 -13.39
N ALA B 21 24.39 -2.67 -13.83
CA ALA B 21 25.43 -3.26 -12.99
C ALA B 21 25.46 -2.60 -11.62
N LEU B 22 25.87 -1.34 -11.59
CA LEU B 22 25.91 -0.54 -10.38
C LEU B 22 24.63 -0.69 -9.56
N ARG B 23 23.50 -0.53 -10.23
CA ARG B 23 22.20 -0.65 -9.57
C ARG B 23 22.02 -2.03 -8.93
N ASN B 24 22.54 -3.07 -9.59
CA ASN B 24 22.38 -4.43 -9.10
C ASN B 24 23.30 -4.71 -7.91
N LEU B 25 24.37 -3.95 -7.80
CA LEU B 25 25.40 -4.19 -6.80
C LEU B 25 25.01 -3.66 -5.43
N VAL B 26 24.36 -2.50 -5.41
CA VAL B 26 24.12 -1.79 -4.16
C VAL B 26 22.67 -1.92 -3.70
N GLN B 27 21.84 -2.60 -4.50
CA GLN B 27 20.44 -2.77 -4.14
C GLN B 27 20.29 -3.35 -2.74
N GLU B 28 19.56 -2.65 -1.89
CA GLU B 28 19.52 -2.96 -0.46
C GLU B 28 18.76 -4.24 -0.17
N ASN B 29 17.75 -4.55 -0.98
CA ASN B 29 16.90 -5.71 -0.73
C ASN B 29 16.57 -6.45 -2.01
N THR B 30 16.41 -7.77 -1.89
CA THR B 30 15.87 -8.60 -2.96
C THR B 30 14.77 -9.53 -2.44
N LEU B 31 13.90 -9.96 -3.34
CA LEU B 31 12.85 -10.91 -3.01
C LEU B 31 13.21 -12.32 -3.48
N THR B 32 12.95 -13.31 -2.64
CA THR B 32 13.28 -14.69 -2.98
C THR B 32 12.09 -15.62 -2.79
N VAL B 33 12.19 -16.83 -3.31
CA VAL B 33 11.13 -17.82 -3.17
C VAL B 33 10.91 -18.18 -1.71
N ASN B 34 11.95 -18.04 -0.90
CA ASN B 34 11.88 -18.44 0.50
C ASN B 34 11.19 -17.39 1.35
N ASP B 35 10.63 -16.37 0.69
CA ASP B 35 9.88 -15.33 1.38
C ASP B 35 8.37 -15.58 1.28
N LEU B 36 7.98 -16.62 0.56
CA LEU B 36 6.59 -16.77 0.15
C LEU B 36 5.91 -17.93 0.86
N VAL B 37 4.68 -17.68 1.28
CA VAL B 37 3.78 -18.69 1.82
C VAL B 37 2.44 -18.65 1.10
N PHE B 38 1.99 -19.81 0.65
CA PHE B 38 0.80 -19.91 -0.20
C PHE B 38 -0.44 -20.31 0.60
N PRO B 39 -1.42 -19.42 0.66
CA PRO B 39 -2.73 -19.75 1.21
C PRO B 39 -3.44 -20.82 0.38
N LEU B 40 -3.89 -21.87 1.04
CA LEU B 40 -4.63 -22.94 0.37
C LEU B 40 -6.02 -23.09 0.98
N PHE B 41 -7.05 -22.92 0.16
CA PHE B 41 -8.43 -23.07 0.61
C PHE B 41 -8.94 -24.48 0.36
N VAL B 42 -9.35 -25.17 1.42
CA VAL B 42 -9.78 -26.56 1.28
C VAL B 42 -11.29 -26.70 1.54
N MET B 43 -11.94 -27.51 0.73
CA MET B 43 -13.37 -27.76 0.84
C MET B 43 -13.67 -29.25 0.75
N PRO B 44 -14.83 -29.66 1.28
CA PRO B 44 -15.22 -31.07 1.24
C PRO B 44 -15.54 -31.53 -0.18
N GLY B 45 -15.45 -32.83 -0.41
CA GLY B 45 -15.71 -33.41 -1.72
C GLY B 45 -14.48 -34.08 -2.31
N THR B 46 -14.58 -34.54 -3.55
CA THR B 46 -13.47 -35.21 -4.21
C THR B 46 -13.29 -34.72 -5.64
N ASN B 47 -12.04 -34.58 -6.05
CA ASN B 47 -11.62 -34.10 -7.34
C ASN B 47 -12.48 -32.95 -7.85
N ALA B 48 -12.23 -31.75 -7.34
CA ALA B 48 -12.95 -30.57 -7.81
C ALA B 48 -12.18 -29.30 -7.47
N VAL B 49 -12.50 -28.22 -8.19
CA VAL B 49 -11.88 -26.92 -7.93
C VAL B 49 -12.79 -25.78 -8.39
N GLU B 50 -12.87 -24.73 -7.58
CA GLU B 50 -13.70 -23.58 -7.91
C GLU B 50 -12.91 -22.29 -7.76
N GLU B 51 -12.80 -21.55 -8.85
CA GLU B 51 -12.18 -20.23 -8.80
C GLU B 51 -13.02 -19.28 -7.95
N VAL B 52 -12.36 -18.39 -7.23
CA VAL B 52 -13.05 -17.40 -6.41
C VAL B 52 -13.46 -16.20 -7.25
N SER B 53 -14.72 -15.81 -7.15
CA SER B 53 -15.29 -14.77 -7.99
C SER B 53 -14.49 -13.47 -7.90
N SER B 54 -14.13 -13.08 -6.67
CA SER B 54 -13.47 -11.81 -6.44
C SER B 54 -11.95 -11.96 -6.42
N MET B 55 -11.47 -13.19 -6.63
CA MET B 55 -10.03 -13.45 -6.63
C MET B 55 -9.63 -14.30 -7.82
N PRO B 56 -9.64 -13.70 -9.00
CA PRO B 56 -9.24 -14.40 -10.22
C PRO B 56 -7.91 -15.12 -10.06
N GLY B 57 -7.83 -16.34 -10.58
CA GLY B 57 -6.64 -17.17 -10.43
C GLY B 57 -6.53 -17.78 -9.05
N SER B 58 -7.46 -17.41 -8.16
CA SER B 58 -7.54 -18.05 -6.86
C SER B 58 -8.71 -19.04 -6.81
N PHE B 59 -8.45 -20.23 -6.28
CA PHE B 59 -9.45 -21.29 -6.29
C PHE B 59 -9.55 -21.98 -4.94
N ARG B 60 -10.69 -22.61 -4.69
CA ARG B 60 -10.83 -23.57 -3.60
C ARG B 60 -10.51 -24.98 -4.10
N PHE B 61 -9.92 -25.80 -3.24
CA PHE B 61 -9.54 -27.16 -3.63
C PHE B 61 -10.19 -28.20 -2.71
N THR B 62 -10.50 -29.35 -3.27
CA THR B 62 -10.76 -30.54 -2.46
C THR B 62 -9.43 -31.15 -2.01
N ILE B 63 -9.49 -32.05 -1.03
CA ILE B 63 -8.27 -32.62 -0.47
C ILE B 63 -7.38 -33.22 -1.56
N ASP B 64 -7.97 -34.05 -2.42
CA ASP B 64 -7.18 -34.66 -3.48
C ASP B 64 -6.49 -33.60 -4.33
N ARG B 65 -7.30 -32.69 -4.87
CA ARG B 65 -6.79 -31.61 -5.72
C ARG B 65 -5.76 -30.76 -4.97
N ALA B 66 -5.95 -30.61 -3.68
CA ALA B 66 -5.10 -29.75 -2.86
C ALA B 66 -3.73 -30.38 -2.65
N VAL B 67 -3.69 -31.70 -2.44
CA VAL B 67 -2.44 -32.42 -2.29
C VAL B 67 -1.56 -32.27 -3.53
N GLU B 68 -2.17 -32.47 -4.70
CA GLU B 68 -1.46 -32.33 -5.96
C GLU B 68 -0.91 -30.91 -6.12
N GLU B 69 -1.76 -29.92 -5.86
CA GLU B 69 -1.35 -28.53 -5.94
C GLU B 69 -0.09 -28.28 -5.13
N CYS B 70 -0.09 -28.80 -3.90
CA CYS B 70 1.07 -28.68 -3.02
C CYS B 70 2.32 -29.27 -3.68
N LYS B 71 2.16 -30.43 -4.31
CA LYS B 71 3.25 -31.04 -5.04
C LYS B 71 3.87 -30.04 -6.01
N GLU B 72 3.02 -29.37 -6.79
CA GLU B 72 3.49 -28.35 -7.73
C GLU B 72 4.09 -27.16 -7.00
N LEU B 73 3.52 -26.84 -5.83
CA LEU B 73 4.03 -25.76 -5.00
C LEU B 73 5.48 -26.01 -4.62
N TYR B 74 5.71 -27.04 -3.81
CA TYR B 74 7.05 -27.37 -3.35
C TYR B 74 8.04 -27.48 -4.51
N ASP B 75 7.60 -28.11 -5.60
CA ASP B 75 8.47 -28.25 -6.76
C ASP B 75 8.99 -26.89 -7.21
N LEU B 76 8.18 -25.85 -7.03
CA LEU B 76 8.54 -24.51 -7.46
C LEU B 76 9.39 -23.79 -6.43
N GLY B 77 9.54 -24.40 -5.25
CA GLY B 77 10.42 -23.87 -4.23
C GLY B 77 9.69 -23.32 -3.03
N ILE B 78 8.39 -23.05 -3.17
CA ILE B 78 7.60 -22.54 -2.06
C ILE B 78 7.73 -23.43 -0.83
N GLN B 79 8.08 -22.82 0.30
CA GLN B 79 8.51 -23.57 1.48
C GLN B 79 7.34 -23.85 2.42
N GLY B 80 6.27 -23.09 2.33
CA GLY B 80 5.19 -23.23 3.30
C GLY B 80 3.83 -22.90 2.74
N ILE B 81 2.79 -23.39 3.43
CA ILE B 81 1.41 -23.14 3.06
C ILE B 81 0.58 -22.75 4.28
N ASP B 82 -0.51 -22.03 4.05
CA ASP B 82 -1.43 -21.67 5.12
C ASP B 82 -2.80 -22.31 4.92
N LEU B 83 -3.00 -23.46 5.55
CA LEU B 83 -4.21 -24.26 5.37
C LEU B 83 -5.44 -23.53 5.89
N PHE B 84 -6.40 -23.30 5.00
CA PHE B 84 -7.68 -22.71 5.40
C PHE B 84 -8.81 -23.72 5.25
N GLY B 85 -9.59 -23.91 6.31
CA GLY B 85 -10.65 -24.90 6.33
C GLY B 85 -12.00 -24.30 6.00
N ILE B 86 -12.87 -25.09 5.37
CA ILE B 86 -14.22 -24.63 5.06
C ILE B 86 -15.23 -25.74 5.32
N PRO B 87 -15.69 -25.84 6.55
CA PRO B 87 -16.50 -26.98 6.98
C PRO B 87 -17.82 -27.07 6.23
N GLU B 88 -18.36 -28.28 6.15
CA GLU B 88 -19.66 -28.52 5.55
C GLU B 88 -20.75 -27.76 6.30
N GLN B 89 -20.86 -28.02 7.60
CA GLN B 89 -21.86 -27.38 8.42
C GLN B 89 -21.25 -26.38 9.40
N LYS B 90 -21.98 -25.31 9.67
CA LYS B 90 -21.56 -24.32 10.65
C LYS B 90 -22.41 -24.42 11.92
N THR B 91 -21.78 -24.11 13.06
CA THR B 91 -22.47 -24.16 14.35
C THR B 91 -22.15 -22.92 15.18
N GLU B 92 -22.91 -22.72 16.25
CA GLU B 92 -22.72 -21.53 17.09
C GLU B 92 -21.60 -21.75 18.11
N ASP B 93 -21.39 -22.99 18.50
CA ASP B 93 -20.28 -23.33 19.39
C ASP B 93 -19.02 -23.66 18.59
N GLY B 94 -19.17 -23.73 17.27
CA GLY B 94 -18.08 -23.96 16.35
C GLY B 94 -17.19 -25.10 16.77
N SER B 95 -17.79 -26.25 17.07
CA SER B 95 -17.04 -27.38 17.61
C SER B 95 -16.28 -28.13 16.51
N GLU B 96 -16.78 -28.06 15.29
CA GLU B 96 -16.13 -28.72 14.16
C GLU B 96 -14.67 -28.33 14.06
N ALA B 97 -14.36 -27.10 14.46
CA ALA B 97 -13.01 -26.56 14.42
C ALA B 97 -12.00 -27.54 15.02
N TYR B 98 -12.39 -28.23 16.08
CA TYR B 98 -11.48 -29.17 16.74
C TYR B 98 -11.93 -30.62 16.55
N ASN B 99 -12.55 -30.90 15.41
CA ASN B 99 -12.92 -32.28 15.09
C ASN B 99 -11.78 -32.98 14.34
N ASP B 100 -11.40 -34.15 14.82
CA ASP B 100 -10.24 -34.86 14.30
C ASP B 100 -10.47 -35.31 12.86
N ASN B 101 -11.72 -35.28 12.42
CA ASN B 101 -12.06 -35.74 11.07
C ASN B 101 -12.53 -34.58 10.20
N GLY B 102 -12.44 -33.37 10.73
CA GLY B 102 -12.79 -32.18 9.96
C GLY B 102 -12.08 -32.16 8.61
N ILE B 103 -12.67 -31.46 7.64
CA ILE B 103 -12.06 -31.38 6.31
C ILE B 103 -10.65 -30.80 6.39
N LEU B 104 -10.46 -29.84 7.29
CA LEU B 104 -9.14 -29.24 7.51
C LEU B 104 -8.14 -30.30 7.97
N GLN B 105 -8.49 -30.98 9.07
CA GLN B 105 -7.63 -32.01 9.64
C GLN B 105 -7.21 -33.04 8.61
N GLN B 106 -8.19 -33.51 7.83
CA GLN B 106 -7.93 -34.49 6.79
C GLN B 106 -6.94 -33.95 5.76
N ALA B 107 -7.01 -32.64 5.51
CA ALA B 107 -6.07 -32.00 4.59
C ALA B 107 -4.66 -32.01 5.16
N ILE B 108 -4.53 -31.61 6.42
CA ILE B 108 -3.25 -31.67 7.12
C ILE B 108 -2.62 -33.04 6.98
N ARG B 109 -3.39 -34.08 7.26
CA ARG B 109 -2.90 -35.45 7.27
C ARG B 109 -2.42 -35.90 5.90
N ALA B 110 -3.21 -35.60 4.86
CA ALA B 110 -2.88 -36.03 3.51
C ALA B 110 -1.65 -35.29 2.97
N ILE B 111 -1.62 -33.98 3.20
CA ILE B 111 -0.54 -33.14 2.70
C ILE B 111 0.81 -33.55 3.28
N LYS B 112 0.91 -33.57 4.60
CA LYS B 112 2.15 -33.93 5.27
C LYS B 112 2.71 -35.26 4.75
N LYS B 113 1.81 -36.16 4.39
CA LYS B 113 2.17 -37.47 3.86
C LYS B 113 2.71 -37.38 2.44
N ALA B 114 1.99 -36.66 1.58
CA ALA B 114 2.35 -36.55 0.18
C ALA B 114 3.55 -35.64 -0.02
N VAL B 115 3.64 -34.57 0.77
CA VAL B 115 4.73 -33.61 0.66
C VAL B 115 5.26 -33.22 2.03
N PRO B 116 5.94 -34.14 2.69
CA PRO B 116 6.37 -33.96 4.08
C PRO B 116 7.26 -32.73 4.24
N GLU B 117 8.02 -32.41 3.20
CA GLU B 117 9.02 -31.36 3.26
C GLU B 117 8.40 -29.97 3.24
N LEU B 118 7.08 -29.91 3.05
CA LEU B 118 6.37 -28.64 3.01
C LEU B 118 5.89 -28.24 4.41
N CYS B 119 6.36 -27.09 4.89
CA CYS B 119 5.92 -26.60 6.19
C CYS B 119 4.45 -26.21 6.14
N ILE B 120 3.64 -26.89 6.95
CA ILE B 120 2.20 -26.65 6.97
C ILE B 120 1.78 -25.75 8.13
N MET B 121 1.38 -24.53 7.80
CA MET B 121 0.81 -23.62 8.78
C MET B 121 -0.71 -23.61 8.69
N THR B 122 -1.38 -23.80 9.83
CA THR B 122 -2.84 -23.88 9.82
C THR B 122 -3.46 -22.62 10.42
N ASP B 123 -4.52 -22.14 9.78
CA ASP B 123 -5.27 -21.00 10.29
C ASP B 123 -6.07 -21.40 11.52
N VAL B 124 -6.07 -20.54 12.53
CA VAL B 124 -6.82 -20.78 13.76
C VAL B 124 -7.78 -19.64 14.05
N ALA B 125 -9.06 -19.89 13.78
CA ALA B 125 -10.13 -18.92 14.02
C ALA B 125 -11.48 -19.57 13.75
N LEU B 126 -12.53 -19.04 14.39
CA LEU B 126 -13.85 -19.67 14.35
C LEU B 126 -14.70 -19.10 13.22
N ASP B 127 -14.10 -18.27 12.38
CA ASP B 127 -14.85 -17.58 11.33
C ASP B 127 -15.57 -18.56 10.41
N PRO B 128 -14.89 -19.51 9.80
CA PRO B 128 -15.57 -20.38 8.83
C PRO B 128 -16.47 -21.42 9.50
N PHE B 129 -16.38 -21.52 10.82
CA PHE B 129 -17.06 -22.60 11.53
C PHE B 129 -18.33 -22.14 12.23
N THR B 130 -18.60 -20.83 12.20
CA THR B 130 -19.75 -20.28 12.90
C THR B 130 -20.66 -19.51 11.94
N PRO B 131 -21.94 -19.42 12.31
CA PRO B 131 -22.94 -18.78 11.43
C PRO B 131 -22.87 -17.26 11.48
N PHE B 132 -22.24 -16.71 12.52
CA PHE B 132 -22.24 -15.27 12.72
C PHE B 132 -21.14 -14.58 11.93
N GLY B 133 -20.35 -15.37 11.20
CA GLY B 133 -19.26 -14.84 10.39
C GLY B 133 -18.21 -14.13 11.21
N HIS B 134 -18.10 -14.50 12.49
CA HIS B 134 -17.11 -13.89 13.37
C HIS B 134 -16.00 -14.88 13.73
N ASP B 135 -14.92 -14.36 14.29
CA ASP B 135 -13.75 -15.19 14.58
C ASP B 135 -13.84 -15.82 15.96
N GLY B 136 -14.82 -15.37 16.75
CA GLY B 136 -15.02 -15.87 18.10
C GLY B 136 -16.46 -16.26 18.35
N LEU B 137 -16.76 -16.67 19.57
CA LEU B 137 -18.11 -17.06 19.96
C LEU B 137 -18.96 -15.85 20.31
N VAL B 138 -20.16 -15.77 19.75
CA VAL B 138 -21.06 -14.65 20.00
C VAL B 138 -22.13 -15.03 21.02
N LYS B 139 -22.26 -14.23 22.06
CA LYS B 139 -23.26 -14.50 23.10
C LYS B 139 -24.52 -13.67 22.87
N ASP B 140 -24.45 -12.39 23.23
CA ASP B 140 -25.57 -11.48 23.03
C ASP B 140 -25.12 -10.23 22.27
N GLY B 141 -24.63 -10.44 21.05
CA GLY B 141 -24.01 -9.37 20.28
C GLY B 141 -22.59 -9.10 20.74
N ILE B 142 -22.10 -9.95 21.64
CA ILE B 142 -20.74 -9.82 22.16
C ILE B 142 -19.87 -11.00 21.73
N ILE B 143 -18.75 -10.70 21.09
CA ILE B 143 -17.79 -11.72 20.71
C ILE B 143 -16.89 -12.09 21.90
N LEU B 144 -17.21 -13.22 22.54
CA LEU B 144 -16.56 -13.63 23.78
C LEU B 144 -15.08 -13.92 23.56
N ASN B 145 -14.25 -13.45 24.49
CA ASN B 145 -12.81 -13.60 24.36
C ASN B 145 -12.32 -14.91 24.97
N ASP B 146 -12.43 -15.03 26.30
CA ASP B 146 -11.88 -16.18 27.01
C ASP B 146 -12.56 -17.47 26.61
N GLU B 147 -13.87 -17.42 26.40
CA GLU B 147 -14.62 -18.58 25.92
C GLU B 147 -14.10 -19.00 24.55
N THR B 148 -13.99 -18.04 23.64
CA THR B 148 -13.51 -18.27 22.28
C THR B 148 -12.12 -18.89 22.28
N VAL B 149 -11.27 -18.43 23.19
CA VAL B 149 -9.89 -18.91 23.25
C VAL B 149 -9.85 -20.39 23.65
N GLU B 150 -10.75 -20.80 24.52
CA GLU B 150 -10.84 -22.18 24.97
C GLU B 150 -11.15 -23.12 23.80
N VAL B 151 -11.87 -22.62 22.81
CA VAL B 151 -12.18 -23.38 21.61
C VAL B 151 -11.03 -23.33 20.61
N LEU B 152 -10.24 -22.26 20.69
CA LEU B 152 -9.07 -22.11 19.83
C LEU B 152 -7.98 -23.10 20.23
N GLN B 153 -7.75 -23.24 21.53
CA GLN B 153 -6.78 -24.21 22.03
C GLN B 153 -7.04 -25.60 21.46
N LYS B 154 -8.25 -26.10 21.70
CA LYS B 154 -8.67 -27.39 21.15
C LYS B 154 -8.37 -27.46 19.66
N MET B 155 -8.72 -26.40 18.94
CA MET B 155 -8.44 -26.30 17.51
C MET B 155 -6.96 -26.52 17.22
N ALA B 156 -6.11 -25.78 17.94
CA ALA B 156 -4.68 -25.82 17.71
C ALA B 156 -4.11 -27.22 17.94
N VAL B 157 -4.42 -27.78 19.11
CA VAL B 157 -4.00 -29.13 19.46
C VAL B 157 -4.42 -30.13 18.37
N SER B 158 -5.70 -30.09 18.03
CA SER B 158 -6.24 -30.93 16.97
C SER B 158 -5.39 -30.85 15.71
N HIS B 159 -5.06 -29.63 15.30
CA HIS B 159 -4.25 -29.41 14.11
C HIS B 159 -2.86 -30.01 14.29
N ALA B 160 -2.29 -29.82 15.46
CA ALA B 160 -1.00 -30.38 15.80
C ALA B 160 -1.06 -31.90 15.80
N GLU B 161 -2.18 -32.44 16.27
CA GLU B 161 -2.38 -33.88 16.36
C GLU B 161 -2.42 -34.52 14.98
N ALA B 162 -2.73 -33.72 13.96
CA ALA B 162 -2.86 -34.22 12.60
C ALA B 162 -1.54 -34.11 11.84
N GLY B 163 -0.63 -33.30 12.35
CA GLY B 163 0.70 -33.19 11.77
C GLY B 163 1.06 -31.78 11.37
N ALA B 164 0.27 -30.80 11.77
CA ALA B 164 0.59 -29.41 11.50
C ALA B 164 1.99 -29.07 12.01
N ASP B 165 2.68 -28.20 11.28
CA ASP B 165 4.01 -27.76 11.67
C ASP B 165 3.94 -26.44 12.45
N PHE B 166 2.84 -25.73 12.24
CA PHE B 166 2.64 -24.37 12.73
C PHE B 166 1.15 -24.02 12.77
N VAL B 167 0.76 -23.20 13.74
CA VAL B 167 -0.58 -22.64 13.77
C VAL B 167 -0.53 -21.11 13.75
N SER B 168 -1.50 -20.49 13.09
CA SER B 168 -1.46 -19.04 12.94
C SER B 168 -2.74 -18.39 13.41
N PRO B 169 -2.92 -18.28 14.72
CA PRO B 169 -4.10 -17.64 15.29
C PRO B 169 -4.33 -16.25 14.67
N SER B 170 -5.44 -16.10 13.95
CA SER B 170 -5.77 -14.86 13.28
C SER B 170 -7.02 -14.22 13.89
N ASP B 171 -7.37 -14.64 15.08
CA ASP B 171 -8.63 -14.28 15.72
C ASP B 171 -8.60 -12.87 16.30
N MET B 172 -7.45 -12.48 16.82
CA MET B 172 -7.29 -11.20 17.52
C MET B 172 -8.00 -11.23 18.87
N MET B 173 -8.03 -12.41 19.50
CA MET B 173 -8.51 -12.53 20.86
C MET B 173 -7.40 -12.20 21.86
N ASP B 174 -7.76 -11.71 23.03
CA ASP B 174 -6.77 -11.38 24.04
C ASP B 174 -6.20 -12.64 24.68
N GLY B 175 -4.89 -12.69 24.80
CA GLY B 175 -4.17 -13.77 25.46
C GLY B 175 -4.37 -15.12 24.82
N ARG B 176 -4.58 -15.15 23.49
CA ARG B 176 -4.82 -16.44 22.84
C ARG B 176 -3.52 -17.15 22.53
N ILE B 177 -2.47 -16.41 22.16
CA ILE B 177 -1.17 -17.03 21.92
C ILE B 177 -0.69 -17.79 23.15
N GLY B 178 -0.82 -17.15 24.32
CA GLY B 178 -0.42 -17.77 25.57
C GLY B 178 -1.18 -19.05 25.84
N ALA B 179 -2.50 -18.96 25.89
CA ALA B 179 -3.35 -20.13 26.11
C ALA B 179 -2.98 -21.28 25.17
N ILE B 180 -2.94 -20.97 23.87
CA ILE B 180 -2.64 -21.98 22.86
C ILE B 180 -1.27 -22.61 23.07
N ARG B 181 -0.27 -21.76 23.28
CA ARG B 181 1.09 -22.27 23.51
C ARG B 181 1.11 -23.23 24.68
N GLU B 182 0.29 -22.97 25.69
CA GLU B 182 0.19 -23.83 26.86
C GLU B 182 -0.50 -25.15 26.51
N ALA B 183 -1.65 -25.05 25.86
CA ALA B 183 -2.36 -26.24 25.40
C ALA B 183 -1.44 -27.13 24.55
N LEU B 184 -0.75 -26.51 23.60
CA LEU B 184 0.11 -27.27 22.69
C LEU B 184 1.20 -28.00 23.46
N ASP B 185 1.79 -27.33 24.45
CA ASP B 185 2.85 -27.93 25.24
C ASP B 185 2.30 -29.05 26.12
N GLU B 186 1.10 -28.83 26.66
CA GLU B 186 0.44 -29.78 27.54
C GLU B 186 0.14 -31.10 26.84
N THR B 187 0.05 -31.07 25.51
CA THR B 187 -0.27 -32.25 24.74
C THR B 187 0.94 -32.75 23.95
N ASP B 188 2.13 -32.42 24.46
CA ASP B 188 3.37 -32.81 23.81
C ASP B 188 3.47 -32.24 22.40
N HIS B 189 3.42 -30.90 22.29
CA HIS B 189 3.61 -30.23 21.02
C HIS B 189 4.43 -28.95 21.18
N SER B 190 5.45 -29.02 22.03
CA SER B 190 6.34 -27.88 22.23
C SER B 190 7.21 -27.64 21.01
N ASP B 191 7.20 -28.60 20.09
CA ASP B 191 7.94 -28.46 18.84
C ASP B 191 7.10 -27.73 17.78
N VAL B 192 5.80 -27.64 18.05
CA VAL B 192 4.89 -26.95 17.14
C VAL B 192 4.90 -25.45 17.41
N GLY B 193 5.43 -24.68 16.45
CA GLY B 193 5.54 -23.25 16.59
C GLY B 193 4.19 -22.56 16.55
N ILE B 194 4.20 -21.23 16.65
CA ILE B 194 3.01 -20.42 16.58
C ILE B 194 3.27 -19.13 15.80
N LEU B 195 2.52 -18.92 14.73
CA LEU B 195 2.60 -17.68 13.97
C LEU B 195 1.41 -16.78 14.27
N SER B 196 1.65 -15.71 15.01
CA SER B 196 0.56 -14.91 15.56
C SER B 196 0.24 -13.71 14.68
N TYR B 197 -1.03 -13.59 14.29
CA TYR B 197 -1.54 -12.34 13.75
C TYR B 197 -1.54 -11.26 14.84
N ALA B 198 -0.35 -10.81 15.21
CA ALA B 198 -0.17 -9.89 16.32
C ALA B 198 -0.98 -8.62 16.12
N ALA B 199 -0.86 -8.04 14.93
CA ALA B 199 -1.51 -6.77 14.62
C ALA B 199 -2.41 -6.91 13.40
N LYS B 200 -3.60 -7.46 13.60
CA LYS B 200 -4.59 -7.55 12.53
C LYS B 200 -5.65 -6.47 12.67
N TYR B 201 -5.68 -5.57 11.69
CA TYR B 201 -6.59 -4.43 11.74
C TYR B 201 -7.96 -4.78 11.16
N ALA B 202 -8.96 -3.98 11.52
CA ALA B 202 -10.26 -4.03 10.87
C ALA B 202 -10.24 -3.21 9.58
N SER B 203 -9.95 -3.88 8.47
CA SER B 203 -9.75 -3.18 7.20
C SER B 203 -10.87 -3.50 6.21
N SER B 204 -11.07 -2.59 5.26
CA SER B 204 -11.98 -2.82 4.15
C SER B 204 -11.23 -3.46 2.97
N PHE B 205 -10.06 -3.99 3.26
CA PHE B 205 -9.23 -4.66 2.27
C PHE B 205 -9.50 -6.17 2.26
N TYR B 206 -10.61 -6.59 2.84
CA TYR B 206 -10.86 -8.01 3.06
C TYR B 206 -12.04 -8.52 2.25
N GLY B 207 -12.59 -7.67 1.40
CA GLY B 207 -13.82 -7.96 0.68
C GLY B 207 -13.84 -9.31 0.00
N PRO B 208 -12.96 -9.51 -0.98
CA PRO B 208 -13.00 -10.69 -1.84
C PRO B 208 -12.81 -11.99 -1.05
N PHE B 209 -12.19 -11.90 0.12
CA PHE B 209 -11.80 -13.10 0.87
C PHE B 209 -13.00 -13.83 1.44
N ARG B 210 -13.98 -13.08 1.94
CA ARG B 210 -15.13 -13.67 2.60
C ARG B 210 -15.81 -14.71 1.72
N ASP B 211 -16.06 -14.37 0.46
CA ASP B 211 -16.71 -15.28 -0.47
C ASP B 211 -15.85 -16.52 -0.72
N ALA B 212 -14.54 -16.34 -0.67
CA ALA B 212 -13.60 -17.43 -0.85
C ALA B 212 -13.96 -18.62 0.04
N LEU B 213 -14.48 -18.33 1.22
CA LEU B 213 -14.80 -19.39 2.18
C LEU B 213 -16.28 -19.41 2.53
N HIS B 214 -17.08 -18.74 1.70
CA HIS B 214 -18.42 -18.77 2.24
C HIS B 214 -18.67 -18.26 3.61
N SER B 215 -18.23 -17.01 3.85
CA SER B 215 -18.54 -16.23 5.05
C SER B 215 -20.03 -16.33 5.47
N ALA B 216 -20.37 -15.57 6.52
CA ALA B 216 -21.71 -15.68 7.14
C ALA B 216 -22.22 -14.32 7.64
N PRO B 217 -23.45 -14.13 8.12
CA PRO B 217 -23.92 -12.80 8.54
C PRO B 217 -22.87 -12.09 9.39
N GLN B 218 -22.03 -11.30 8.73
CA GLN B 218 -20.96 -10.55 9.37
C GLN B 218 -21.46 -9.83 10.62
N PHE B 219 -22.68 -9.32 10.54
CA PHE B 219 -23.45 -8.81 11.66
C PHE B 219 -22.61 -7.89 12.55
N GLY B 220 -22.74 -6.58 12.30
CA GLY B 220 -21.94 -5.59 13.02
C GLY B 220 -20.58 -5.39 12.38
N ASP B 221 -19.52 -5.58 13.19
CA ASP B 221 -18.15 -5.46 12.67
C ASP B 221 -17.14 -5.91 13.70
N LYS B 222 -15.96 -6.29 13.25
CA LYS B 222 -14.95 -6.88 14.13
C LYS B 222 -14.04 -5.83 14.73
N SER B 223 -14.58 -4.64 14.99
CA SER B 223 -13.74 -3.54 15.48
C SER B 223 -13.65 -3.56 17.00
N THR B 224 -14.19 -4.60 17.62
CA THR B 224 -14.05 -4.76 19.07
C THR B 224 -12.85 -5.66 19.40
N TYR B 225 -12.30 -6.32 18.39
CA TYR B 225 -11.09 -7.12 18.62
C TYR B 225 -10.04 -6.86 17.53
N GLN B 226 -10.49 -6.52 16.33
CA GLN B 226 -9.57 -6.09 15.29
C GLN B 226 -9.19 -4.61 15.47
N MET B 227 -7.96 -4.27 15.14
CA MET B 227 -7.40 -2.98 15.51
C MET B 227 -7.87 -1.85 14.61
N ASN B 228 -7.97 -0.66 15.18
CA ASN B 228 -8.27 0.55 14.42
C ASN B 228 -7.09 0.93 13.52
N PRO B 229 -7.36 1.12 12.23
CA PRO B 229 -6.31 1.39 11.25
C PRO B 229 -5.62 2.74 11.44
N ALA B 230 -6.03 3.52 12.44
CA ALA B 230 -5.43 4.82 12.69
C ALA B 230 -4.26 4.73 13.67
N ASN B 231 -4.06 3.56 14.26
CA ASN B 231 -3.16 3.44 15.40
C ASN B 231 -1.89 2.68 15.04
N THR B 232 -0.77 3.13 15.60
CA THR B 232 0.52 2.47 15.45
C THR B 232 1.08 2.03 16.80
N GLU B 233 1.05 2.93 17.78
CA GLU B 233 1.50 2.61 19.13
C GLU B 233 0.88 1.32 19.63
N GLU B 234 -0.44 1.23 19.49
CA GLU B 234 -1.19 0.06 19.94
C GLU B 234 -0.65 -1.22 19.30
N ALA B 235 -0.12 -1.09 18.09
CA ALA B 235 0.45 -2.24 17.40
C ALA B 235 1.72 -2.72 18.09
N MET B 236 2.45 -1.79 18.68
CA MET B 236 3.66 -2.12 19.43
C MET B 236 3.31 -2.81 20.75
N LYS B 237 2.21 -2.39 21.34
CA LYS B 237 1.69 -3.01 22.55
C LYS B 237 1.27 -4.45 22.30
N GLU B 238 0.54 -4.64 21.20
CA GLU B 238 0.00 -5.95 20.83
C GLU B 238 1.10 -6.97 20.56
N VAL B 239 2.04 -6.60 19.71
CA VAL B 239 3.15 -7.47 19.36
C VAL B 239 3.95 -7.88 20.59
N GLU B 240 4.43 -6.88 21.33
CA GLU B 240 5.20 -7.15 22.54
C GLU B 240 4.45 -8.10 23.46
N LEU B 241 3.14 -7.99 23.48
CA LEU B 241 2.30 -8.86 24.31
C LEU B 241 2.38 -10.31 23.85
N ASP B 242 2.37 -10.50 22.52
CA ASP B 242 2.39 -11.85 21.96
C ASP B 242 3.78 -12.46 22.05
N ILE B 243 4.81 -11.68 21.71
CA ILE B 243 6.18 -12.15 21.87
C ILE B 243 6.44 -12.61 23.30
N VAL B 244 5.92 -11.84 24.26
CA VAL B 244 6.01 -12.21 25.67
C VAL B 244 5.25 -13.51 25.94
N GLU B 245 4.28 -13.81 25.08
CA GLU B 245 3.43 -14.98 25.29
C GLU B 245 4.07 -16.24 24.74
N GLY B 246 4.87 -16.10 23.70
CA GLY B 246 5.64 -17.23 23.17
C GLY B 246 5.55 -17.35 21.66
N ALA B 247 4.90 -16.41 21.00
CA ALA B 247 4.81 -16.44 19.54
C ALA B 247 6.20 -16.55 18.92
N ASP B 248 6.39 -17.56 18.07
CA ASP B 248 7.66 -17.71 17.36
C ASP B 248 7.81 -16.64 16.28
N ILE B 249 6.70 -16.30 15.65
CA ILE B 249 6.66 -15.27 14.62
C ILE B 249 5.44 -14.37 14.78
N VAL B 250 5.51 -13.16 14.24
CA VAL B 250 4.41 -12.20 14.34
C VAL B 250 4.09 -11.59 12.99
N MET B 251 2.81 -11.36 12.73
CA MET B 251 2.35 -10.91 11.42
C MET B 251 1.56 -9.61 11.49
N VAL B 252 1.68 -8.81 10.43
CA VAL B 252 0.88 -7.61 10.24
C VAL B 252 -0.14 -7.82 9.12
N LYS B 253 -1.37 -7.35 9.35
CA LYS B 253 -2.45 -7.54 8.39
C LYS B 253 -3.41 -6.36 8.39
N PRO B 254 -3.68 -5.76 7.23
CA PRO B 254 -3.11 -6.16 5.95
C PRO B 254 -1.66 -5.72 5.76
N GLY B 255 -1.24 -5.61 4.50
CA GLY B 255 0.16 -5.52 4.16
C GLY B 255 0.54 -4.25 3.44
N LEU B 256 0.16 -4.13 2.17
CA LEU B 256 0.60 -3.05 1.30
C LEU B 256 0.52 -1.69 1.99
N ALA B 257 -0.62 -1.42 2.62
CA ALA B 257 -0.90 -0.11 3.19
C ALA B 257 -0.51 -0.03 4.66
N TYR B 258 0.18 -1.04 5.16
CA TYR B 258 0.59 -1.05 6.56
C TYR B 258 2.07 -1.32 6.70
N LEU B 259 2.85 -0.89 5.72
CA LEU B 259 4.28 -1.13 5.70
C LEU B 259 5.00 -0.36 6.81
N ASP B 260 4.38 0.71 7.30
CA ASP B 260 4.99 1.44 8.41
C ASP B 260 4.94 0.61 9.69
N ILE B 261 3.86 -0.16 9.85
CA ILE B 261 3.73 -1.04 11.01
C ILE B 261 4.75 -2.17 10.95
N VAL B 262 5.05 -2.62 9.73
CA VAL B 262 5.99 -3.70 9.51
C VAL B 262 7.42 -3.26 9.78
N TRP B 263 7.77 -2.06 9.33
CA TRP B 263 9.09 -1.51 9.59
C TRP B 263 9.30 -1.30 11.08
N ARG B 264 8.28 -0.80 11.76
CA ARG B 264 8.29 -0.59 13.20
C ARG B 264 8.47 -1.91 13.94
N THR B 265 7.72 -2.92 13.54
CA THR B 265 7.83 -4.26 14.11
C THR B 265 9.27 -4.77 14.01
N LYS B 266 9.72 -4.99 12.77
CA LYS B 266 11.07 -5.47 12.52
C LYS B 266 12.12 -4.66 13.28
N GLU B 267 11.86 -3.37 13.47
CA GLU B 267 12.87 -2.48 14.02
C GLU B 267 13.02 -2.62 15.53
N ARG B 268 12.09 -3.31 16.19
CA ARG B 268 12.04 -3.19 17.65
C ARG B 268 12.03 -4.53 18.38
N PHE B 269 11.79 -5.65 17.70
CA PHE B 269 11.39 -6.83 18.45
C PHE B 269 12.30 -8.03 18.22
N ASP B 270 13.22 -7.95 17.28
CA ASP B 270 14.19 -9.00 16.98
C ASP B 270 13.56 -10.39 16.91
N VAL B 271 12.34 -10.46 16.38
CA VAL B 271 11.72 -11.73 16.05
C VAL B 271 11.23 -11.72 14.60
N PRO B 272 11.14 -12.89 13.99
CA PRO B 272 10.72 -12.97 12.58
C PRO B 272 9.40 -12.25 12.34
N VAL B 273 9.32 -11.51 11.25
CA VAL B 273 8.14 -10.69 10.98
C VAL B 273 7.43 -11.13 9.70
N ALA B 274 6.11 -11.20 9.75
CA ALA B 274 5.31 -11.68 8.63
C ALA B 274 4.23 -10.68 8.24
N ILE B 275 3.96 -10.59 6.94
CA ILE B 275 2.94 -9.67 6.41
C ILE B 275 1.94 -10.42 5.55
N TYR B 276 0.80 -9.79 5.26
CA TYR B 276 -0.26 -10.45 4.51
C TYR B 276 -0.73 -9.62 3.32
N HIS B 277 -0.44 -10.11 2.12
CA HIS B 277 -0.95 -9.55 0.86
C HIS B 277 -2.43 -9.83 0.72
N VAL B 278 -3.26 -9.08 1.43
CA VAL B 278 -4.66 -9.45 1.63
C VAL B 278 -5.43 -9.49 0.30
N SER B 279 -6.59 -10.13 0.35
CA SER B 279 -7.41 -10.38 -0.82
C SER B 279 -7.74 -9.09 -1.57
N GLY B 280 -8.13 -8.05 -0.84
CA GLY B 280 -8.48 -6.78 -1.43
C GLY B 280 -7.31 -6.17 -2.20
N GLU B 281 -6.09 -6.41 -1.73
CA GLU B 281 -4.91 -5.96 -2.46
C GLU B 281 -4.73 -6.77 -3.74
N TYR B 282 -4.88 -8.09 -3.62
CA TYR B 282 -4.75 -8.98 -4.76
C TYR B 282 -5.72 -8.62 -5.87
N ALA B 283 -7.02 -8.63 -5.57
CA ALA B 283 -8.05 -8.34 -6.55
C ALA B 283 -7.84 -6.99 -7.22
N MET B 284 -7.32 -6.04 -6.45
CA MET B 284 -7.19 -4.67 -6.96
C MET B 284 -6.24 -4.59 -8.14
N VAL B 285 -5.15 -5.37 -8.08
CA VAL B 285 -4.25 -5.45 -9.23
C VAL B 285 -4.91 -6.21 -10.38
N LYS B 286 -5.55 -7.33 -10.03
CA LYS B 286 -6.32 -8.12 -10.97
C LYS B 286 -7.23 -7.24 -11.82
N ALA B 287 -8.00 -6.38 -11.16
CA ALA B 287 -8.98 -5.53 -11.82
C ALA B 287 -8.32 -4.48 -12.70
N ALA B 288 -7.44 -3.67 -12.12
CA ALA B 288 -6.75 -2.63 -12.87
C ALA B 288 -6.02 -3.20 -14.07
N ALA B 289 -5.36 -4.34 -13.87
CA ALA B 289 -4.63 -5.03 -14.93
C ALA B 289 -5.57 -5.46 -16.05
N ALA B 290 -6.74 -5.96 -15.67
CA ALA B 290 -7.73 -6.43 -16.65
C ALA B 290 -8.20 -5.29 -17.54
N LYS B 291 -8.02 -4.07 -17.09
CA LYS B 291 -8.42 -2.89 -17.86
C LYS B 291 -7.28 -2.37 -18.72
N GLY B 292 -6.06 -2.80 -18.41
CA GLY B 292 -4.88 -2.34 -19.11
C GLY B 292 -4.35 -1.03 -18.56
N TRP B 293 -4.77 -0.68 -17.35
CA TRP B 293 -4.28 0.53 -16.70
C TRP B 293 -2.94 0.28 -16.00
N ILE B 294 -2.73 -0.97 -15.60
CA ILE B 294 -1.50 -1.36 -14.91
C ILE B 294 -0.97 -2.68 -15.45
N ASP B 295 0.35 -2.86 -15.35
CA ASP B 295 0.99 -4.13 -15.70
C ASP B 295 0.97 -5.08 -14.51
N GLU B 296 0.10 -6.09 -14.57
CA GLU B 296 -0.19 -6.94 -13.43
C GLU B 296 1.07 -7.58 -12.84
N ASP B 297 1.91 -8.14 -13.71
CA ASP B 297 3.10 -8.83 -13.25
C ASP B 297 4.07 -7.88 -12.58
N ARG B 298 4.16 -6.66 -13.10
CA ARG B 298 5.07 -5.65 -12.58
C ARG B 298 4.62 -5.12 -11.23
N VAL B 299 3.34 -4.75 -11.14
CA VAL B 299 2.82 -4.23 -9.87
C VAL B 299 2.84 -5.30 -8.80
N MET B 300 2.42 -6.51 -9.15
CA MET B 300 2.42 -7.62 -8.19
C MET B 300 3.81 -7.81 -7.60
N MET B 301 4.79 -8.09 -8.45
CA MET B 301 6.14 -8.35 -7.98
C MET B 301 6.70 -7.16 -7.21
N GLU B 302 6.50 -5.95 -7.75
CA GLU B 302 6.99 -4.74 -7.09
C GLU B 302 6.43 -4.61 -5.69
N SER B 303 5.11 -4.77 -5.56
CA SER B 303 4.46 -4.63 -4.25
C SER B 303 5.00 -5.65 -3.27
N LEU B 304 5.43 -6.80 -3.77
CA LEU B 304 6.08 -7.81 -2.92
C LEU B 304 7.45 -7.30 -2.45
N LEU B 305 8.18 -6.67 -3.37
CA LEU B 305 9.46 -6.04 -3.06
C LEU B 305 9.30 -5.01 -1.93
N CYS B 306 8.33 -4.13 -2.08
CA CYS B 306 8.08 -3.10 -1.07
C CYS B 306 7.92 -3.72 0.32
N MET B 307 7.27 -4.88 0.36
CA MET B 307 7.08 -5.61 1.60
C MET B 307 8.41 -6.13 2.15
N LYS B 308 9.33 -6.45 1.25
CA LYS B 308 10.67 -6.87 1.68
C LYS B 308 11.48 -5.68 2.18
N ARG B 309 11.32 -4.56 1.49
CA ARG B 309 12.01 -3.32 1.87
C ARG B 309 11.58 -2.85 3.25
N ALA B 310 10.34 -3.15 3.62
CA ALA B 310 9.76 -2.67 4.87
C ALA B 310 10.23 -3.49 6.06
N GLY B 311 10.62 -4.75 5.81
CA GLY B 311 11.20 -5.58 6.85
C GLY B 311 10.49 -6.91 7.00
N ALA B 312 9.71 -7.30 6.00
CA ALA B 312 8.99 -8.57 6.07
C ALA B 312 9.88 -9.74 5.65
N ASP B 313 9.79 -10.84 6.39
CA ASP B 313 10.58 -12.03 6.10
C ASP B 313 9.74 -13.06 5.34
N ILE B 314 8.50 -13.23 5.79
CA ILE B 314 7.57 -14.16 5.16
C ILE B 314 6.36 -13.42 4.61
N ILE B 315 5.95 -13.76 3.40
CA ILE B 315 4.80 -13.12 2.77
C ILE B 315 3.71 -14.11 2.42
N PHE B 316 2.58 -14.01 3.11
CA PHE B 316 1.37 -14.74 2.74
C PHE B 316 0.70 -14.06 1.55
N THR B 317 0.91 -14.59 0.35
CA THR B 317 0.37 -13.95 -0.85
C THR B 317 -0.29 -14.97 -1.78
N TYR B 318 -1.37 -14.54 -2.41
CA TYR B 318 -2.10 -15.39 -3.36
C TYR B 318 -1.36 -15.44 -4.70
N TYR B 319 -0.34 -14.61 -4.83
CA TYR B 319 0.50 -14.55 -6.03
C TYR B 319 1.73 -15.44 -5.87
N ALA B 320 1.76 -16.20 -4.78
CA ALA B 320 2.92 -16.99 -4.40
C ALA B 320 3.42 -17.86 -5.55
N LYS B 321 2.51 -18.58 -6.19
CA LYS B 321 2.87 -19.50 -7.26
C LYS B 321 3.37 -18.75 -8.50
N GLU B 322 2.74 -17.61 -8.80
CA GLU B 322 3.11 -16.81 -9.96
C GLU B 322 4.45 -16.12 -9.72
N ALA B 323 4.82 -15.95 -8.47
CA ALA B 323 6.09 -15.33 -8.11
C ALA B 323 7.23 -16.35 -8.16
N ALA B 324 6.98 -17.53 -7.62
CA ALA B 324 7.97 -18.61 -7.63
C ALA B 324 8.41 -18.92 -9.05
N LYS B 325 7.46 -18.96 -9.98
CA LYS B 325 7.81 -19.10 -11.39
C LYS B 325 8.69 -17.94 -11.83
N LYS B 326 8.17 -16.72 -11.70
CA LYS B 326 8.89 -15.51 -12.06
C LYS B 326 10.27 -15.47 -11.41
N LEU B 327 10.35 -15.90 -10.15
CA LEU B 327 11.62 -15.91 -9.44
C LEU B 327 12.48 -17.09 -9.86
N ARG B 328 11.84 -18.09 -10.43
CA ARG B 328 12.54 -19.29 -10.90
C ARG B 328 13.62 -18.93 -11.92
#